data_6WRP
#
_entry.id   6WRP
#
_cell.length_a   51.031
_cell.length_b   79.924
_cell.length_c   99.685
_cell.angle_alpha   90.000
_cell.angle_beta   90.000
_cell.angle_gamma   90.000
#
_symmetry.space_group_name_H-M   'P 21 21 21'
#
loop_
_entity.id
_entity.type
_entity.pdbx_description
1 polymer 'PI3-E12 Fab Heavy Chain'
2 polymer 'PI3-E12 Fab Light Chain'
3 non-polymer DI(HYDROXYETHYL)ETHER
4 non-polymer 1,2-ETHANEDIOL
5 non-polymer 'SULFATE ION'
6 non-polymer 'AMMONIUM ION'
7 water water
#
loop_
_entity_poly.entity_id
_entity_poly.type
_entity_poly.pdbx_seq_one_letter_code
_entity_poly.pdbx_strand_id
1 'polypeptide(L)'
;QVQLLESGGKLVKPGGSLRLSCAASGFTFSDHYMIWIRQAPGKGLEWISYISSSGSNTIYADSLMGRFTISRDNAKNSLY
LQMNSLRTEDTAVYYCARAKWGTMGRGAPPTIYDHWGQGTLVTVSSASTKGPSVFPLAPSSKSTSGGTAALGCLVKDYFP
EPVTVSWNSGALTSGVHTFPAVLQSSGLYSLSSVVTVPSSSLGTQTYICNVNHKPSNTKVDKRVEPKSCDKT
;
H
2 'polypeptide(L)'
;DIVMTQSPLSLPVTPGEPASISCRSSQSLLQSNGNNYLEWYLQKPGQSPQLLIYLGSNRASGVPDRFSGSGSGTDFTLKI
SRVEAEDAGVYYCMQALQTPLTFGGGTKVEIKRTVAAPSVFIFPPSDEQLKSGTASVVCLLNNFYPREAKVQWKVDNALQ
SGNSQESVTEQDSKDSTYSLSSTLTLSKADYEKHKVYACEVTHQGLSSPVTKSFNRGEC
;
L
#
# COMPACT_ATOMS: atom_id res chain seq x y z
N GLN A 1 8.95 -23.84 5.17
CA GLN A 1 8.61 -22.50 4.63
C GLN A 1 7.26 -22.55 3.93
N VAL A 2 6.19 -22.57 4.72
CA VAL A 2 4.83 -22.45 4.18
C VAL A 2 4.80 -21.20 3.31
N GLN A 3 4.69 -21.39 2.00
CA GLN A 3 4.76 -20.31 1.04
C GLN A 3 3.55 -20.36 0.11
N LEU A 4 2.85 -19.24 -0.01
CA LEU A 4 1.76 -19.07 -0.97
C LEU A 4 2.14 -17.95 -1.93
N LEU A 5 2.07 -18.24 -3.22
CA LEU A 5 2.48 -17.29 -4.26
C LEU A 5 1.37 -17.18 -5.29
N GLU A 6 0.70 -16.02 -5.33
CA GLU A 6 -0.34 -15.77 -6.31
C GLU A 6 0.27 -15.37 -7.65
N SER A 7 -0.47 -15.65 -8.72
CA SER A 7 -0.07 -15.24 -10.05
C SER A 7 -1.32 -15.17 -10.92
N GLY A 8 -1.20 -14.42 -12.02
CA GLY A 8 -2.27 -14.27 -12.99
C GLY A 8 -2.89 -12.88 -13.02
N GLY A 9 -2.80 -12.12 -11.94
CA GLY A 9 -3.37 -10.79 -11.95
C GLY A 9 -2.73 -9.92 -13.00
N LYS A 10 -3.56 -9.15 -13.71
CA LYS A 10 -3.09 -8.30 -14.79
C LYS A 10 -4.24 -7.40 -15.22
N LEU A 11 -3.96 -6.52 -16.18
CA LEU A 11 -4.99 -5.68 -16.76
C LEU A 11 -5.95 -6.53 -17.60
N VAL A 12 -7.24 -6.27 -17.43
CA VAL A 12 -8.28 -7.01 -18.15
C VAL A 12 -9.46 -6.07 -18.35
N LYS A 13 -10.18 -6.27 -19.45
CA LYS A 13 -11.25 -5.35 -19.79
C LYS A 13 -12.56 -5.76 -19.15
N PRO A 14 -13.48 -4.82 -18.95
CA PRO A 14 -14.79 -5.17 -18.39
C PRO A 14 -15.49 -6.21 -19.25
N GLY A 15 -16.14 -7.16 -18.59
CA GLY A 15 -16.79 -8.26 -19.27
C GLY A 15 -15.89 -9.40 -19.66
N GLY A 16 -14.57 -9.24 -19.52
CA GLY A 16 -13.64 -10.30 -19.83
C GLY A 16 -13.51 -11.28 -18.68
N SER A 17 -12.57 -12.22 -18.85
CA SER A 17 -12.35 -13.28 -17.89
C SER A 17 -10.87 -13.36 -17.52
N LEU A 18 -10.59 -13.93 -16.36
CA LEU A 18 -9.23 -14.03 -15.86
C LEU A 18 -9.15 -15.17 -14.84
N ARG A 19 -8.07 -15.94 -14.92
CA ARG A 19 -7.83 -17.04 -13.99
C ARG A 19 -6.63 -16.70 -13.12
N LEU A 20 -6.83 -16.71 -11.81
CA LEU A 20 -5.75 -16.51 -10.85
C LEU A 20 -5.24 -17.85 -10.35
N SER A 21 -3.95 -17.90 -10.03
CA SER A 21 -3.32 -19.10 -9.51
C SER A 21 -2.65 -18.78 -8.17
N CYS A 22 -2.49 -19.83 -7.36
CA CYS A 22 -1.88 -19.69 -6.04
C CYS A 22 -1.11 -20.98 -5.77
N ALA A 23 0.22 -20.91 -5.87
CA ALA A 23 1.07 -22.08 -5.69
C ALA A 23 1.46 -22.20 -4.22
N ALA A 24 1.18 -23.37 -3.63
CA ALA A 24 1.46 -23.63 -2.24
C ALA A 24 2.67 -24.54 -2.10
N SER A 25 3.40 -24.38 -0.99
CA SER A 25 4.56 -25.21 -0.72
C SER A 25 4.84 -25.15 0.78
N GLY A 26 5.55 -26.16 1.27
CA GLY A 26 5.97 -26.20 2.66
C GLY A 26 4.96 -26.81 3.62
N PHE A 27 3.91 -27.46 3.12
CA PHE A 27 2.94 -28.11 3.98
C PHE A 27 2.10 -29.07 3.14
N THR A 28 1.33 -29.89 3.84
CA THR A 28 0.43 -30.85 3.19
C THR A 28 -0.77 -30.10 2.63
N PHE A 29 -0.72 -29.80 1.33
CA PHE A 29 -1.76 -28.99 0.71
C PHE A 29 -3.13 -29.62 0.87
N SER A 30 -3.19 -30.96 0.81
N SER A 30 -3.19 -30.96 0.81
CA SER A 30 -4.47 -31.67 0.86
CA SER A 30 -4.46 -31.67 0.85
C SER A 30 -5.10 -31.69 2.23
C SER A 30 -5.10 -31.68 2.24
N ASP A 31 -4.45 -31.12 3.25
CA ASP A 31 -4.97 -31.14 4.61
C ASP A 31 -5.71 -29.87 5.01
N HIS A 32 -5.76 -28.86 4.14
CA HIS A 32 -6.24 -27.54 4.55
C HIS A 32 -7.27 -27.00 3.57
N TYR A 33 -8.32 -26.38 4.12
CA TYR A 33 -9.11 -25.45 3.35
C TYR A 33 -8.22 -24.32 2.84
N MET A 34 -8.61 -23.72 1.72
CA MET A 34 -7.90 -22.59 1.16
C MET A 34 -8.88 -21.44 0.95
N ILE A 35 -8.39 -20.22 1.10
CA ILE A 35 -9.23 -19.02 1.12
C ILE A 35 -8.77 -18.07 0.03
N TRP A 36 -9.72 -17.29 -0.49
CA TRP A 36 -9.43 -16.15 -1.36
C TRP A 36 -9.96 -14.90 -0.70
N ILE A 37 -9.09 -13.92 -0.49
CA ILE A 37 -9.47 -12.62 0.04
C ILE A 37 -8.95 -11.55 -0.91
N ARG A 38 -9.75 -10.49 -1.10
CA ARG A 38 -9.34 -9.39 -1.97
C ARG A 38 -9.41 -8.08 -1.20
N GLN A 39 -8.72 -7.07 -1.74
CA GLN A 39 -8.68 -5.74 -1.16
C GLN A 39 -8.66 -4.73 -2.30
N ALA A 40 -9.79 -4.06 -2.52
CA ALA A 40 -9.85 -3.02 -3.53
C ALA A 40 -9.05 -1.80 -3.07
N PRO A 41 -8.58 -0.99 -4.02
CA PRO A 41 -7.79 0.18 -3.64
C PRO A 41 -8.55 1.10 -2.69
N GLY A 42 -7.90 1.45 -1.59
CA GLY A 42 -8.49 2.36 -0.62
C GLY A 42 -9.58 1.77 0.23
N LYS A 43 -9.75 0.46 0.22
N LYS A 43 -9.75 0.46 0.23
CA LYS A 43 -10.78 -0.21 1.00
CA LYS A 43 -10.78 -0.21 1.00
C LYS A 43 -10.14 -1.26 1.90
C LYS A 43 -10.13 -1.27 1.90
N GLY A 44 -10.97 -1.87 2.75
CA GLY A 44 -10.52 -2.90 3.66
C GLY A 44 -10.50 -4.27 3.00
N LEU A 45 -10.57 -5.30 3.83
CA LEU A 45 -10.49 -6.68 3.38
C LEU A 45 -11.89 -7.23 3.12
N GLU A 46 -12.03 -7.97 2.02
CA GLU A 46 -13.30 -8.57 1.63
C GLU A 46 -13.08 -10.04 1.32
N TRP A 47 -13.77 -10.91 2.05
CA TRP A 47 -13.67 -12.34 1.78
C TRP A 47 -14.40 -12.68 0.49
N ILE A 48 -13.81 -13.58 -0.30
CA ILE A 48 -14.31 -13.91 -1.63
C ILE A 48 -14.85 -15.34 -1.68
N SER A 49 -14.06 -16.30 -1.18
CA SER A 49 -14.44 -17.71 -1.31
C SER A 49 -13.46 -18.57 -0.55
N TYR A 50 -13.87 -19.80 -0.28
CA TYR A 50 -12.98 -20.82 0.25
C TYR A 50 -13.39 -22.17 -0.32
N ILE A 51 -12.43 -23.11 -0.29
CA ILE A 51 -12.62 -24.44 -0.87
C ILE A 51 -12.09 -25.48 0.09
N SER A 52 -12.80 -26.60 0.21
CA SER A 52 -12.39 -27.67 1.10
C SER A 52 -11.20 -28.43 0.51
N SER A 53 -10.58 -29.26 1.35
CA SER A 53 -9.36 -29.95 0.96
C SER A 53 -9.52 -30.70 -0.36
N SER A 54 -10.65 -31.39 -0.53
CA SER A 54 -10.90 -32.18 -1.72
C SER A 54 -11.68 -31.44 -2.79
N GLY A 55 -12.02 -30.17 -2.55
CA GLY A 55 -12.80 -29.41 -3.51
C GLY A 55 -14.27 -29.72 -3.53
N SER A 56 -14.78 -30.45 -2.54
CA SER A 56 -16.19 -30.79 -2.52
C SER A 56 -17.04 -29.60 -2.13
N ASN A 57 -16.58 -28.79 -1.18
CA ASN A 57 -17.32 -27.65 -0.67
C ASN A 57 -16.72 -26.37 -1.23
N THR A 58 -17.49 -25.69 -2.08
CA THR A 58 -17.09 -24.42 -2.67
C THR A 58 -18.12 -23.37 -2.29
N ILE A 59 -17.68 -22.32 -1.60
CA ILE A 59 -18.55 -21.26 -1.11
C ILE A 59 -18.03 -19.92 -1.60
N TYR A 60 -18.94 -18.98 -1.83
CA TYR A 60 -18.59 -17.68 -2.38
C TYR A 60 -19.39 -16.59 -1.68
N ALA A 61 -18.91 -15.36 -1.82
CA ALA A 61 -19.68 -14.20 -1.39
C ALA A 61 -20.85 -14.00 -2.36
N ASP A 62 -22.02 -13.73 -1.79
CA ASP A 62 -23.23 -13.61 -2.61
C ASP A 62 -23.11 -12.47 -3.61
N SER A 63 -22.47 -11.36 -3.21
CA SER A 63 -22.38 -10.20 -4.08
C SER A 63 -21.74 -10.52 -5.43
N LEU A 64 -20.97 -11.60 -5.52
CA LEU A 64 -20.33 -11.96 -6.78
C LEU A 64 -21.32 -12.53 -7.79
N MET A 65 -22.51 -12.93 -7.34
CA MET A 65 -23.55 -13.44 -8.24
C MET A 65 -23.04 -14.62 -9.06
N GLY A 66 -22.20 -15.44 -8.46
CA GLY A 66 -21.71 -16.65 -9.11
C GLY A 66 -20.75 -16.42 -10.25
N ARG A 67 -20.18 -15.22 -10.36
CA ARG A 67 -19.25 -14.92 -11.44
C ARG A 67 -17.88 -15.56 -11.24
N PHE A 68 -17.56 -15.97 -10.01
CA PHE A 68 -16.28 -16.59 -9.70
C PHE A 68 -16.47 -18.08 -9.46
N THR A 69 -15.42 -18.85 -9.77
CA THR A 69 -15.38 -20.27 -9.50
C THR A 69 -14.04 -20.61 -8.88
N ILE A 70 -14.06 -21.13 -7.67
CA ILE A 70 -12.85 -21.56 -6.98
C ILE A 70 -12.64 -23.04 -7.25
N SER A 71 -11.42 -23.40 -7.63
CA SER A 71 -11.07 -24.79 -7.91
C SER A 71 -9.71 -25.08 -7.29
N ARG A 72 -9.25 -26.32 -7.43
CA ARG A 72 -8.10 -26.79 -6.68
C ARG A 72 -7.52 -28.02 -7.35
N ASP A 73 -6.19 -28.10 -7.39
CA ASP A 73 -5.45 -29.24 -7.95
C ASP A 73 -4.44 -29.67 -6.90
N ASN A 74 -4.82 -30.66 -6.08
CA ASN A 74 -3.95 -31.08 -4.99
C ASN A 74 -2.67 -31.70 -5.51
N ALA A 75 -2.70 -32.31 -6.70
CA ALA A 75 -1.49 -32.87 -7.27
C ALA A 75 -0.44 -31.79 -7.50
N LYS A 76 -0.83 -30.70 -8.15
CA LYS A 76 0.08 -29.59 -8.42
C LYS A 76 0.23 -28.63 -7.24
N ASN A 77 -0.38 -28.92 -6.10
CA ASN A 77 -0.36 -28.01 -4.96
C ASN A 77 -0.71 -26.59 -5.39
N SER A 78 -1.85 -26.46 -6.06
CA SER A 78 -2.25 -25.20 -6.67
C SER A 78 -3.71 -24.90 -6.39
N LEU A 79 -4.00 -23.63 -6.13
CA LEU A 79 -5.35 -23.13 -5.95
C LEU A 79 -5.65 -22.16 -7.09
N TYR A 80 -6.91 -22.13 -7.52
CA TYR A 80 -7.32 -21.32 -8.66
C TYR A 80 -8.57 -20.53 -8.32
N LEU A 81 -8.75 -19.42 -9.04
CA LEU A 81 -9.97 -18.62 -9.00
C LEU A 81 -10.28 -18.17 -10.41
N GLN A 82 -11.35 -18.69 -10.99
CA GLN A 82 -11.79 -18.30 -12.33
C GLN A 82 -12.76 -17.15 -12.20
N MET A 83 -12.38 -15.98 -12.73
CA MET A 83 -13.16 -14.75 -12.61
C MET A 83 -13.74 -14.41 -13.97
N ASN A 84 -15.07 -14.43 -14.07
CA ASN A 84 -15.78 -14.23 -15.33
C ASN A 84 -16.62 -12.96 -15.25
N SER A 85 -16.94 -12.42 -16.43
CA SER A 85 -17.77 -11.22 -16.56
C SER A 85 -17.27 -10.12 -15.62
N LEU A 86 -15.99 -9.83 -15.71
CA LEU A 86 -15.34 -8.93 -14.76
C LEU A 86 -15.97 -7.54 -14.80
N ARG A 87 -15.95 -6.89 -13.65
CA ARG A 87 -16.53 -5.57 -13.48
C ARG A 87 -15.50 -4.64 -12.85
N THR A 88 -15.77 -3.34 -12.94
CA THR A 88 -14.80 -2.37 -12.40
C THR A 88 -14.58 -2.59 -10.91
N GLU A 89 -15.63 -2.98 -10.18
CA GLU A 89 -15.48 -3.20 -8.75
C GLU A 89 -14.67 -4.44 -8.41
N ASP A 90 -14.31 -5.26 -9.41
CA ASP A 90 -13.44 -6.41 -9.18
C ASP A 90 -11.97 -6.02 -9.11
N THR A 91 -11.62 -4.80 -9.50
CA THR A 91 -10.24 -4.34 -9.37
C THR A 91 -9.82 -4.39 -7.90
N ALA A 92 -8.74 -5.12 -7.62
CA ALA A 92 -8.29 -5.30 -6.25
C ALA A 92 -7.07 -6.19 -6.24
N VAL A 93 -6.37 -6.19 -5.12
CA VAL A 93 -5.34 -7.20 -4.85
C VAL A 93 -6.03 -8.44 -4.30
N TYR A 94 -5.73 -9.59 -4.89
CA TYR A 94 -6.34 -10.85 -4.49
C TYR A 94 -5.31 -11.69 -3.76
N TYR A 95 -5.60 -12.02 -2.51
CA TYR A 95 -4.74 -12.86 -1.68
C TYR A 95 -5.33 -14.25 -1.57
N CYS A 96 -4.48 -15.26 -1.57
CA CYS A 96 -4.87 -16.61 -1.19
C CYS A 96 -4.25 -16.90 0.18
N ALA A 97 -4.98 -17.65 1.01
CA ALA A 97 -4.56 -17.91 2.37
C ALA A 97 -4.91 -19.35 2.74
N ARG A 98 -4.08 -19.93 3.60
CA ARG A 98 -4.35 -21.26 4.15
C ARG A 98 -5.12 -21.12 5.45
N ALA A 99 -6.06 -22.04 5.66
CA ALA A 99 -6.80 -22.14 6.92
C ALA A 99 -6.21 -23.28 7.74
N LYS A 100 -5.78 -22.97 8.96
CA LYS A 100 -5.17 -23.99 9.80
C LYS A 100 -6.14 -25.11 10.13
N TRP A 101 -7.39 -24.76 10.46
CA TRP A 101 -8.42 -25.71 10.83
C TRP A 101 -9.55 -25.67 9.81
N GLY A 102 -10.12 -26.84 9.53
CA GLY A 102 -11.27 -26.94 8.65
C GLY A 102 -12.55 -26.54 9.35
N THR A 103 -13.65 -26.65 8.60
CA THR A 103 -14.95 -26.29 9.12
C THR A 103 -15.36 -27.23 10.25
N MET A 104 -15.94 -26.67 11.31
CA MET A 104 -16.54 -27.48 12.35
C MET A 104 -17.83 -28.15 11.88
N GLY A 105 -18.41 -27.66 10.80
CA GLY A 105 -19.62 -28.22 10.23
C GLY A 105 -20.76 -27.21 10.20
N ARG A 106 -21.84 -27.63 9.55
CA ARG A 106 -23.09 -26.86 9.50
C ARG A 106 -22.84 -25.44 9.01
N GLY A 107 -22.16 -25.33 7.87
CA GLY A 107 -21.94 -24.05 7.22
C GLY A 107 -20.89 -23.18 7.87
N ALA A 108 -20.35 -23.56 9.02
CA ALA A 108 -19.30 -22.76 9.64
C ALA A 108 -18.09 -22.70 8.71
N PRO A 109 -17.38 -21.57 8.67
CA PRO A 109 -16.24 -21.46 7.75
C PRO A 109 -15.01 -22.09 8.35
N PRO A 110 -13.98 -22.36 7.54
CA PRO A 110 -12.67 -22.71 8.10
C PRO A 110 -12.09 -21.51 8.83
N THR A 111 -11.19 -21.80 9.77
CA THR A 111 -10.68 -20.80 10.69
C THR A 111 -9.16 -20.77 10.66
N ILE A 112 -8.60 -19.72 11.26
CA ILE A 112 -7.16 -19.54 11.43
C ILE A 112 -6.49 -19.44 10.07
N TYR A 113 -6.52 -18.24 9.47
CA TYR A 113 -5.84 -18.01 8.19
C TYR A 113 -4.44 -17.53 8.51
N ASP A 114 -3.55 -18.50 8.80
CA ASP A 114 -2.24 -18.19 9.36
C ASP A 114 -1.23 -17.70 8.33
N HIS A 115 -1.36 -18.11 7.07
CA HIS A 115 -0.43 -17.72 6.02
C HIS A 115 -1.17 -17.13 4.83
N TRP A 116 -0.73 -15.96 4.39
CA TRP A 116 -1.26 -15.27 3.22
C TRP A 116 -0.15 -15.13 2.18
N GLY A 117 -0.54 -15.16 0.91
CA GLY A 117 0.41 -14.88 -0.15
C GLY A 117 0.67 -13.40 -0.30
N GLN A 118 1.60 -13.07 -1.19
CA GLN A 118 1.94 -11.67 -1.44
C GLN A 118 0.80 -10.92 -2.14
N GLY A 119 -0.08 -11.64 -2.84
CA GLY A 119 -1.19 -10.99 -3.52
C GLY A 119 -0.87 -10.67 -4.97
N THR A 120 -1.91 -10.72 -5.80
CA THR A 120 -1.80 -10.40 -7.22
C THR A 120 -2.86 -9.37 -7.58
N LEU A 121 -2.45 -8.31 -8.26
CA LEU A 121 -3.33 -7.20 -8.57
C LEU A 121 -4.11 -7.47 -9.86
N VAL A 122 -5.42 -7.32 -9.78
CA VAL A 122 -6.30 -7.38 -10.95
C VAL A 122 -6.84 -5.99 -11.19
N THR A 123 -6.73 -5.51 -12.43
CA THR A 123 -7.20 -4.18 -12.82
C THR A 123 -8.21 -4.34 -13.95
N VAL A 124 -9.47 -4.10 -13.65
CA VAL A 124 -10.54 -4.20 -14.64
C VAL A 124 -10.74 -2.82 -15.24
N SER A 125 -10.29 -2.63 -16.48
CA SER A 125 -10.38 -1.34 -17.15
C SER A 125 -10.23 -1.54 -18.64
N SER A 126 -10.75 -0.57 -19.40
CA SER A 126 -10.68 -0.61 -20.85
C SER A 126 -9.46 0.13 -21.40
N ALA A 127 -8.74 0.88 -20.57
CA ALA A 127 -7.60 1.64 -21.04
C ALA A 127 -6.46 0.71 -21.41
N SER A 128 -5.58 1.21 -22.28
CA SER A 128 -4.49 0.42 -22.83
C SER A 128 -3.25 0.49 -21.95
N THR A 129 -2.42 -0.54 -22.04
CA THR A 129 -1.17 -0.56 -21.30
C THR A 129 -0.19 0.44 -21.90
N LYS A 130 0.48 1.19 -21.03
CA LYS A 130 1.41 2.23 -21.46
C LYS A 130 2.56 2.32 -20.47
N GLY A 131 3.78 2.19 -20.99
CA GLY A 131 4.97 2.22 -20.15
C GLY A 131 5.32 3.63 -19.72
N PRO A 132 6.14 3.75 -18.67
CA PRO A 132 6.46 5.07 -18.13
C PRO A 132 7.59 5.75 -18.88
N SER A 133 7.60 7.08 -18.77
CA SER A 133 8.74 7.89 -19.14
C SER A 133 9.46 8.33 -17.87
N VAL A 134 10.76 8.08 -17.80
CA VAL A 134 11.56 8.35 -16.61
C VAL A 134 12.41 9.57 -16.87
N PHE A 135 12.32 10.57 -15.98
CA PHE A 135 13.10 11.78 -16.07
C PHE A 135 13.87 12.00 -14.78
N PRO A 136 15.07 12.57 -14.85
CA PRO A 136 15.84 12.81 -13.63
C PRO A 136 15.36 14.06 -12.88
N LEU A 137 15.53 14.01 -11.56
CA LEU A 137 15.33 15.16 -10.69
C LEU A 137 16.71 15.54 -10.16
N ALA A 138 17.41 16.36 -10.92
CA ALA A 138 18.81 16.64 -10.63
C ALA A 138 18.93 17.60 -9.44
N PRO A 139 19.89 17.35 -8.52
CA PRO A 139 20.06 18.22 -7.35
C PRO A 139 20.62 19.59 -7.70
N GLY A 146 28.64 20.99 3.61
CA GLY A 146 27.75 20.83 2.47
C GLY A 146 26.33 20.52 2.87
N GLY A 147 26.17 19.66 3.87
CA GLY A 147 24.86 19.29 4.34
C GLY A 147 24.30 18.09 3.60
N THR A 148 22.98 18.08 3.41
CA THR A 148 22.30 16.99 2.73
C THR A 148 21.69 17.48 1.43
N ALA A 149 21.84 16.69 0.37
CA ALA A 149 21.26 16.98 -0.93
C ALA A 149 20.16 15.98 -1.23
N ALA A 150 19.28 16.36 -2.17
CA ALA A 150 18.16 15.54 -2.57
C ALA A 150 18.17 15.38 -4.09
N LEU A 151 17.85 14.18 -4.55
CA LEU A 151 17.72 13.91 -5.97
C LEU A 151 16.69 12.81 -6.14
N GLY A 152 16.26 12.60 -7.38
CA GLY A 152 15.22 11.61 -7.61
C GLY A 152 14.96 11.38 -9.08
N CYS A 153 13.87 10.66 -9.34
CA CYS A 153 13.44 10.34 -10.69
C CYS A 153 11.94 10.53 -10.80
N LEU A 154 11.51 11.17 -11.88
CA LEU A 154 10.10 11.36 -12.17
C LEU A 154 9.65 10.22 -13.09
N VAL A 155 8.77 9.37 -12.59
CA VAL A 155 8.19 8.26 -13.35
C VAL A 155 6.79 8.69 -13.78
N LYS A 156 6.62 9.00 -15.07
CA LYS A 156 5.47 9.74 -15.54
C LYS A 156 4.75 9.01 -16.66
N ASP A 157 3.42 9.11 -16.66
CA ASP A 157 2.56 8.65 -17.75
C ASP A 157 2.72 7.13 -17.98
N TYR A 158 2.13 6.34 -17.08
CA TYR A 158 2.12 4.89 -17.24
C TYR A 158 0.76 4.36 -16.80
N PHE A 159 0.41 3.17 -17.28
CA PHE A 159 -0.85 2.54 -16.88
C PHE A 159 -0.78 1.08 -17.27
N PRO A 160 -1.30 0.15 -16.45
CA PRO A 160 -1.85 0.38 -15.11
C PRO A 160 -0.76 0.37 -14.05
N GLU A 161 -1.14 0.49 -12.78
CA GLU A 161 -0.21 0.24 -11.71
C GLU A 161 0.17 -1.24 -11.71
N PRO A 162 1.29 -1.62 -11.07
CA PRO A 162 2.26 -0.79 -10.35
C PRO A 162 3.57 -0.57 -11.09
N VAL A 163 4.41 0.30 -10.54
CA VAL A 163 5.80 0.44 -10.94
C VAL A 163 6.65 0.28 -9.69
N THR A 164 7.78 -0.40 -9.84
CA THR A 164 8.76 -0.54 -8.76
C THR A 164 10.00 0.28 -9.10
N VAL A 165 10.51 1.00 -8.11
CA VAL A 165 11.66 1.88 -8.29
C VAL A 165 12.73 1.49 -7.29
N SER A 166 13.93 1.22 -7.78
CA SER A 166 15.10 0.95 -6.95
C SER A 166 16.18 1.98 -7.26
N TRP A 167 17.20 2.02 -6.42
CA TRP A 167 18.32 2.93 -6.60
C TRP A 167 19.63 2.15 -6.52
N ASN A 168 20.48 2.33 -7.53
CA ASN A 168 21.75 1.63 -7.61
C ASN A 168 21.54 0.12 -7.50
N SER A 169 20.51 -0.38 -8.18
CA SER A 169 20.21 -1.81 -8.23
C SER A 169 19.93 -2.38 -6.83
N GLY A 170 19.34 -1.58 -5.97
CA GLY A 170 19.01 -2.00 -4.62
C GLY A 170 20.07 -1.73 -3.58
N ALA A 171 21.27 -1.32 -3.99
CA ALA A 171 22.32 -1.02 -3.02
C ALA A 171 22.06 0.27 -2.25
N LEU A 172 21.23 1.17 -2.80
CA LEU A 172 20.92 2.45 -2.16
C LEU A 172 19.47 2.41 -1.70
N THR A 173 19.27 2.18 -0.41
CA THR A 173 17.94 2.17 0.19
C THR A 173 17.77 3.21 1.30
N SER A 174 18.85 3.67 1.92
CA SER A 174 18.76 4.62 3.01
C SER A 174 18.32 5.99 2.48
N GLY A 175 17.25 6.53 3.06
CA GLY A 175 16.76 7.84 2.67
C GLY A 175 15.87 7.85 1.45
N VAL A 176 15.48 6.70 0.92
CA VAL A 176 14.67 6.63 -0.28
C VAL A 176 13.20 6.80 0.09
N HIS A 177 12.48 7.58 -0.71
CA HIS A 177 11.04 7.75 -0.57
C HIS A 177 10.42 7.67 -1.96
N THR A 178 9.69 6.61 -2.24
CA THR A 178 8.97 6.44 -3.49
C THR A 178 7.49 6.73 -3.22
N PHE A 179 7.01 7.87 -3.72
CA PHE A 179 5.68 8.33 -3.36
C PHE A 179 4.60 7.48 -4.04
N PRO A 180 3.44 7.33 -3.40
CA PRO A 180 2.32 6.67 -4.08
C PRO A 180 1.95 7.38 -5.38
N ALA A 181 1.53 6.59 -6.36
CA ALA A 181 1.16 7.14 -7.65
C ALA A 181 -0.11 7.97 -7.55
N VAL A 182 -0.23 8.95 -8.45
CA VAL A 182 -1.40 9.81 -8.53
C VAL A 182 -1.96 9.72 -9.95
N LEU A 183 -3.27 9.53 -10.05
CA LEU A 183 -3.93 9.48 -11.35
C LEU A 183 -4.22 10.90 -11.84
N GLN A 184 -3.87 11.17 -13.08
CA GLN A 184 -4.09 12.48 -13.69
C GLN A 184 -5.27 12.43 -14.65
N SER A 185 -5.65 13.61 -15.14
CA SER A 185 -6.77 13.72 -16.07
C SER A 185 -6.53 12.90 -17.34
N SER A 186 -5.26 12.69 -17.71
CA SER A 186 -4.93 11.88 -18.87
C SER A 186 -5.33 10.42 -18.72
N GLY A 187 -5.72 9.99 -17.52
CA GLY A 187 -5.98 8.59 -17.28
C GLY A 187 -4.74 7.77 -16.98
N LEU A 188 -3.59 8.42 -16.82
CA LEU A 188 -2.33 7.75 -16.53
C LEU A 188 -1.85 8.10 -15.13
N TYR A 189 -0.93 7.29 -14.62
CA TYR A 189 -0.32 7.52 -13.32
C TYR A 189 1.05 8.15 -13.46
N SER A 190 1.47 8.85 -12.40
CA SER A 190 2.80 9.43 -12.32
C SER A 190 3.21 9.48 -10.86
N LEU A 191 4.53 9.38 -10.63
CA LEU A 191 5.06 9.45 -9.28
C LEU A 191 6.53 9.84 -9.36
N SER A 192 7.08 10.24 -8.22
CA SER A 192 8.49 10.56 -8.09
C SER A 192 9.10 9.70 -7.00
N SER A 193 10.36 9.31 -7.20
CA SER A 193 11.15 8.60 -6.21
C SER A 193 12.37 9.46 -5.90
N VAL A 194 12.53 9.83 -4.63
CA VAL A 194 13.60 10.73 -4.21
C VAL A 194 14.49 10.01 -3.21
N VAL A 195 15.68 10.57 -3.00
CA VAL A 195 16.65 10.03 -2.06
C VAL A 195 17.53 11.17 -1.59
N THR A 196 17.81 11.21 -0.29
CA THR A 196 18.70 12.19 0.30
C THR A 196 20.09 11.59 0.45
N VAL A 197 21.11 12.33 0.06
CA VAL A 197 22.48 11.83 0.05
C VAL A 197 23.42 12.93 0.52
N PRO A 198 24.63 12.56 0.93
CA PRO A 198 25.61 13.58 1.33
C PRO A 198 25.90 14.55 0.20
N SER A 199 25.84 15.85 0.51
CA SER A 199 26.11 16.86 -0.51
C SER A 199 27.48 16.64 -1.14
N SER A 200 28.47 16.22 -0.35
CA SER A 200 29.81 15.99 -0.87
C SER A 200 29.88 14.80 -1.82
N SER A 201 28.83 14.00 -1.90
CA SER A 201 28.82 12.85 -2.80
C SER A 201 28.38 13.20 -4.21
N LEU A 202 27.79 14.38 -4.42
CA LEU A 202 27.35 14.77 -5.75
C LEU A 202 28.55 14.92 -6.68
N GLY A 203 28.51 14.22 -7.80
CA GLY A 203 29.59 14.24 -8.76
C GLY A 203 30.67 13.20 -8.53
N THR A 204 30.71 12.60 -7.34
CA THR A 204 31.67 11.54 -7.02
C THR A 204 31.03 10.17 -7.01
N GLN A 205 29.89 10.01 -6.33
CA GLN A 205 29.14 8.77 -6.30
C GLN A 205 27.99 8.86 -7.29
N THR A 206 27.99 7.97 -8.27
CA THR A 206 26.93 7.97 -9.28
C THR A 206 25.63 7.41 -8.70
N TYR A 207 24.52 7.96 -9.16
CA TYR A 207 23.20 7.57 -8.70
C TYR A 207 22.34 7.20 -9.90
N ILE A 208 21.70 6.03 -9.82
CA ILE A 208 20.86 5.52 -10.91
C ILE A 208 19.58 4.98 -10.29
N CYS A 209 18.44 5.36 -10.88
CA CYS A 209 17.14 4.83 -10.47
C CYS A 209 16.71 3.78 -11.49
N ASN A 210 16.37 2.59 -11.00
CA ASN A 210 15.94 1.49 -11.84
C ASN A 210 14.43 1.37 -11.74
N VAL A 211 13.73 1.66 -12.83
CA VAL A 211 12.28 1.64 -12.87
C VAL A 211 11.84 0.38 -13.61
N ASN A 212 10.85 -0.32 -13.06
CA ASN A 212 10.32 -1.53 -13.66
C ASN A 212 8.80 -1.40 -13.71
N HIS A 213 8.24 -1.56 -14.90
CA HIS A 213 6.79 -1.55 -15.13
C HIS A 213 6.43 -2.89 -15.75
N LYS A 214 6.13 -3.87 -14.91
CA LYS A 214 5.86 -5.22 -15.40
C LYS A 214 4.73 -5.27 -16.43
N PRO A 215 3.62 -4.55 -16.27
CA PRO A 215 2.54 -4.65 -17.27
C PRO A 215 3.00 -4.38 -18.70
N SER A 216 3.90 -3.43 -18.90
CA SER A 216 4.39 -3.09 -20.23
C SER A 216 5.73 -3.74 -20.55
N ASN A 217 6.26 -4.58 -19.66
CA ASN A 217 7.56 -5.22 -19.86
C ASN A 217 8.66 -4.17 -20.03
N THR A 218 8.58 -3.10 -19.24
CA THR A 218 9.49 -1.97 -19.35
C THR A 218 10.40 -1.93 -18.14
N LYS A 219 11.72 -1.95 -18.39
CA LYS A 219 12.72 -1.70 -17.37
C LYS A 219 13.63 -0.59 -17.88
N VAL A 220 13.76 0.48 -17.09
CA VAL A 220 14.52 1.66 -17.48
C VAL A 220 15.45 2.05 -16.34
N ASP A 221 16.73 2.20 -16.66
CA ASP A 221 17.72 2.74 -15.73
C ASP A 221 18.05 4.16 -16.16
N LYS A 222 17.91 5.11 -15.23
CA LYS A 222 18.14 6.52 -15.51
C LYS A 222 19.21 7.05 -14.59
N ARG A 223 20.20 7.73 -15.17
N ARG A 223 20.21 7.72 -15.16
CA ARG A 223 21.29 8.33 -14.42
CA ARG A 223 21.30 8.30 -14.37
C ARG A 223 20.87 9.71 -13.93
C ARG A 223 20.91 9.70 -13.93
N VAL A 224 21.09 9.98 -12.64
CA VAL A 224 20.71 11.24 -12.03
C VAL A 224 22.00 11.98 -11.68
N GLU A 225 22.43 12.89 -12.56
CA GLU A 225 23.64 13.67 -12.37
C GLU A 225 23.27 15.12 -12.04
N PRO A 226 24.12 15.82 -11.29
CA PRO A 226 23.83 17.23 -10.99
C PRO A 226 24.05 18.13 -12.20
N LYS A 227 23.20 19.15 -12.31
CA LYS A 227 23.28 20.09 -13.42
C LYS A 227 24.55 20.92 -13.33
N ASP B 1 -25.84 -11.16 7.70
CA ASP B 1 -24.41 -11.38 8.02
C ASP B 1 -24.05 -10.78 9.37
N ILE B 2 -22.85 -11.07 9.85
CA ILE B 2 -22.35 -10.49 11.09
C ILE B 2 -21.60 -9.21 10.75
N VAL B 3 -21.88 -8.15 11.51
CA VAL B 3 -21.26 -6.85 11.31
C VAL B 3 -20.17 -6.67 12.35
N MET B 4 -18.96 -6.36 11.87
CA MET B 4 -17.80 -6.13 12.72
C MET B 4 -17.48 -4.64 12.70
N THR B 5 -17.42 -4.02 13.88
CA THR B 5 -17.10 -2.61 14.01
C THR B 5 -15.93 -2.44 14.97
N GLN B 6 -14.98 -1.59 14.59
CA GLN B 6 -13.77 -1.37 15.37
C GLN B 6 -13.74 0.05 15.92
N SER B 7 -13.00 0.21 17.01
CA SER B 7 -12.85 1.48 17.68
C SER B 7 -11.50 1.48 18.39
N PRO B 8 -10.68 2.54 18.23
CA PRO B 8 -10.93 3.73 17.42
C PRO B 8 -10.67 3.51 15.94
N LEU B 9 -10.94 4.54 15.13
CA LEU B 9 -10.57 4.49 13.72
C LEU B 9 -9.08 4.75 13.54
N SER B 10 -8.58 5.80 14.18
CA SER B 10 -7.16 6.14 14.18
C SER B 10 -6.68 6.23 15.63
N LEU B 11 -5.50 5.66 15.88
CA LEU B 11 -4.97 5.55 17.24
C LEU B 11 -3.53 6.08 17.27
N PRO B 12 -3.35 7.36 17.58
CA PRO B 12 -1.99 7.88 17.77
C PRO B 12 -1.45 7.47 19.15
N VAL B 13 -0.23 6.93 19.16
CA VAL B 13 0.37 6.45 20.40
C VAL B 13 1.89 6.63 20.30
N THR B 14 2.52 6.99 21.45
CA THR B 14 3.96 7.13 21.48
C THR B 14 4.62 5.78 21.77
N PRO B 15 5.78 5.49 21.18
CA PRO B 15 6.48 4.24 21.51
C PRO B 15 6.71 4.13 23.01
N GLY B 16 6.60 2.90 23.52
CA GLY B 16 6.73 2.63 24.92
C GLY B 16 5.41 2.57 25.67
N GLU B 17 4.37 3.16 25.13
CA GLU B 17 3.05 3.18 25.74
C GLU B 17 2.20 2.04 25.20
N PRO B 18 1.18 1.62 25.95
CA PRO B 18 0.29 0.56 25.45
C PRO B 18 -0.78 1.10 24.51
N ALA B 19 -1.32 0.19 23.71
CA ALA B 19 -2.38 0.52 22.76
C ALA B 19 -3.43 -0.59 22.79
N SER B 20 -4.70 -0.21 22.79
CA SER B 20 -5.82 -1.14 22.84
C SER B 20 -6.79 -0.82 21.71
N ILE B 21 -7.01 -1.78 20.83
CA ILE B 21 -7.94 -1.65 19.71
C ILE B 21 -9.14 -2.55 19.98
N SER B 22 -10.34 -1.97 19.93
CA SER B 22 -11.56 -2.67 20.27
C SER B 22 -12.27 -3.15 19.01
N CYS B 23 -12.88 -4.32 19.10
CA CYS B 23 -13.64 -4.91 18.01
C CYS B 23 -14.99 -5.37 18.55
N ARG B 24 -16.06 -4.94 17.91
CA ARG B 24 -17.42 -5.25 18.34
C ARG B 24 -18.12 -6.03 17.24
N SER B 25 -18.74 -7.15 17.61
CA SER B 25 -19.47 -8.00 16.69
C SER B 25 -20.97 -7.90 16.96
N SER B 26 -21.76 -7.85 15.88
CA SER B 26 -23.21 -7.77 16.02
C SER B 26 -23.81 -9.08 16.55
N GLN B 27 -23.08 -10.18 16.45
CA GLN B 27 -23.52 -11.48 16.95
C GLN B 27 -22.44 -12.05 17.86
N SER B 28 -22.87 -12.73 18.92
CA SER B 28 -21.92 -13.34 19.84
C SER B 28 -21.09 -14.40 19.11
N LEU B 29 -19.77 -14.28 19.23
CA LEU B 29 -18.85 -15.25 18.64
C LEU B 29 -18.49 -16.37 19.61
N LEU B 30 -19.09 -16.39 20.79
CA LEU B 30 -18.84 -17.45 21.76
C LEU B 30 -19.70 -18.67 21.44
N GLN B 31 -19.05 -19.82 21.32
CA GLN B 31 -19.75 -21.08 21.11
C GLN B 31 -19.98 -21.79 22.45
N SER B 32 -20.80 -22.84 22.41
CA SER B 32 -21.12 -23.57 23.63
C SER B 32 -19.89 -24.21 24.27
N ASN B 33 -18.83 -24.46 23.49
CA ASN B 33 -17.62 -25.07 24.02
C ASN B 33 -16.73 -24.08 24.76
N GLY B 34 -17.16 -22.83 24.90
CA GLY B 34 -16.39 -21.84 25.63
C GLY B 34 -15.37 -21.06 24.83
N ASN B 35 -15.29 -21.29 23.52
CA ASN B 35 -14.33 -20.61 22.67
C ASN B 35 -14.98 -19.48 21.88
N ASN B 36 -14.19 -18.45 21.62
CA ASN B 36 -14.60 -17.32 20.78
C ASN B 36 -13.87 -17.41 19.46
N TYR B 37 -14.62 -17.28 18.36
CA TYR B 37 -14.06 -17.39 17.01
C TYR B 37 -13.89 -15.98 16.46
N LEU B 38 -12.81 -15.33 16.90
CA LEU B 38 -12.47 -13.97 16.51
C LEU B 38 -10.97 -13.96 16.22
N GLU B 39 -10.58 -13.32 15.12
CA GLU B 39 -9.19 -13.29 14.70
C GLU B 39 -8.77 -11.84 14.43
N TRP B 40 -7.49 -11.57 14.68
CA TRP B 40 -6.90 -10.26 14.46
C TRP B 40 -5.80 -10.35 13.41
N TYR B 41 -5.70 -9.34 12.56
CA TYR B 41 -4.69 -9.28 11.51
C TYR B 41 -4.04 -7.91 11.50
N LEU B 42 -2.79 -7.88 11.04
CA LEU B 42 -2.04 -6.65 10.84
C LEU B 42 -1.67 -6.54 9.36
N GLN B 43 -1.84 -5.34 8.80
CA GLN B 43 -1.42 -5.06 7.43
C GLN B 43 -0.56 -3.80 7.45
N LYS B 44 0.74 -3.97 7.25
CA LYS B 44 1.62 -2.85 7.05
C LYS B 44 1.51 -2.35 5.62
N PRO B 45 1.85 -1.08 5.37
CA PRO B 45 1.66 -0.53 4.02
C PRO B 45 2.31 -1.38 2.94
N GLY B 46 1.53 -1.70 1.91
CA GLY B 46 2.04 -2.44 0.78
C GLY B 46 2.40 -3.89 1.06
N GLN B 47 1.92 -4.44 2.18
CA GLN B 47 2.18 -5.82 2.53
C GLN B 47 0.87 -6.58 2.68
N SER B 48 0.96 -7.90 2.62
CA SER B 48 -0.21 -8.73 2.83
C SER B 48 -0.59 -8.72 4.30
N PRO B 49 -1.86 -8.96 4.62
CA PRO B 49 -2.24 -9.09 6.04
C PRO B 49 -1.48 -10.22 6.70
N GLN B 50 -1.31 -10.10 8.01
CA GLN B 50 -0.59 -11.09 8.81
C GLN B 50 -1.43 -11.42 10.03
N LEU B 51 -1.57 -12.71 10.33
CA LEU B 51 -2.36 -13.14 11.47
C LEU B 51 -1.63 -12.81 12.76
N LEU B 52 -2.34 -12.18 13.69
CA LEU B 52 -1.82 -11.86 15.03
C LEU B 52 -2.42 -12.74 16.10
N ILE B 53 -3.75 -12.79 16.19
CA ILE B 53 -4.47 -13.55 17.21
C ILE B 53 -5.54 -14.38 16.52
N TYR B 54 -5.71 -15.62 16.97
CA TYR B 54 -6.77 -16.48 16.49
C TYR B 54 -7.53 -17.09 17.67
N LEU B 55 -8.78 -17.43 17.42
CA LEU B 55 -9.68 -17.96 18.46
C LEU B 55 -9.73 -17.03 19.67
N GLY B 56 -9.77 -15.74 19.41
CA GLY B 56 -9.98 -14.74 20.44
C GLY B 56 -8.74 -14.27 21.19
N SER B 57 -7.85 -15.18 21.57
CA SER B 57 -6.73 -14.82 22.42
C SER B 57 -5.44 -15.56 22.12
N ASN B 58 -5.39 -16.47 21.16
CA ASN B 58 -4.19 -17.26 20.90
C ASN B 58 -3.26 -16.49 19.97
N ARG B 59 -2.07 -16.18 20.47
CA ARG B 59 -1.06 -15.51 19.65
C ARG B 59 -0.47 -16.49 18.65
N ALA B 60 -0.43 -16.06 17.38
CA ALA B 60 0.08 -16.92 16.32
C ALA B 60 1.60 -17.06 16.43
N SER B 61 2.11 -18.17 15.89
CA SER B 61 3.54 -18.43 15.94
C SER B 61 4.31 -17.35 15.19
N GLY B 62 5.31 -16.77 15.86
CA GLY B 62 6.12 -15.73 15.29
C GLY B 62 5.67 -14.33 15.60
N VAL B 63 4.47 -14.15 16.13
CA VAL B 63 4.00 -12.80 16.46
C VAL B 63 4.79 -12.29 17.66
N PRO B 64 5.20 -11.02 17.69
CA PRO B 64 5.95 -10.52 18.83
C PRO B 64 5.17 -10.69 20.13
N ASP B 65 5.93 -10.79 21.23
CA ASP B 65 5.34 -11.07 22.54
C ASP B 65 4.50 -9.91 23.07
N ARG B 66 4.53 -8.75 22.42
CA ARG B 66 3.81 -7.59 22.92
C ARG B 66 2.34 -7.55 22.48
N PHE B 67 1.91 -8.47 21.62
CA PHE B 67 0.53 -8.53 21.15
C PHE B 67 -0.27 -9.54 21.96
N SER B 68 -1.46 -9.13 22.39
CA SER B 68 -2.35 -10.00 23.14
C SER B 68 -3.79 -9.73 22.71
N GLY B 69 -4.60 -10.79 22.75
CA GLY B 69 -6.02 -10.68 22.45
C GLY B 69 -6.86 -11.01 23.66
N SER B 70 -7.95 -10.27 23.83
N SER B 70 -7.95 -10.27 23.83
CA SER B 70 -8.83 -10.43 24.98
CA SER B 70 -8.83 -10.45 24.98
C SER B 70 -10.28 -10.22 24.53
C SER B 70 -10.27 -10.22 24.54
N GLY B 71 -11.20 -10.57 25.42
CA GLY B 71 -12.62 -10.38 25.20
C GLY B 71 -13.35 -11.70 24.99
N SER B 72 -14.66 -11.57 24.83
CA SER B 72 -15.54 -12.71 24.63
C SER B 72 -16.90 -12.21 24.17
N GLY B 73 -17.64 -13.09 23.49
CA GLY B 73 -18.98 -12.77 23.06
C GLY B 73 -19.04 -11.80 21.90
N THR B 74 -19.31 -10.54 22.20
CA THR B 74 -19.46 -9.53 21.16
C THR B 74 -18.38 -8.45 21.20
N ASP B 75 -17.55 -8.41 22.24
CA ASP B 75 -16.55 -7.37 22.39
C ASP B 75 -15.18 -7.98 22.60
N PHE B 76 -14.20 -7.54 21.82
CA PHE B 76 -12.84 -8.05 21.90
C PHE B 76 -11.87 -6.88 21.83
N THR B 77 -10.65 -7.11 22.29
CA THR B 77 -9.62 -6.08 22.32
C THR B 77 -8.28 -6.67 21.93
N LEU B 78 -7.60 -6.03 20.99
CA LEU B 78 -6.21 -6.30 20.69
C LEU B 78 -5.36 -5.35 21.54
N LYS B 79 -4.48 -5.92 22.36
CA LYS B 79 -3.68 -5.15 23.30
C LYS B 79 -2.21 -5.25 22.91
N ILE B 80 -1.61 -4.11 22.61
CA ILE B 80 -0.16 -4.00 22.43
C ILE B 80 0.40 -3.45 23.73
N SER B 81 1.07 -4.30 24.51
CA SER B 81 1.53 -3.89 25.83
C SER B 81 2.50 -2.72 25.75
N ARG B 82 3.40 -2.74 24.76
CA ARG B 82 4.40 -1.69 24.58
C ARG B 82 4.55 -1.42 23.09
N VAL B 83 3.96 -0.33 22.61
CA VAL B 83 4.01 -0.03 21.19
C VAL B 83 5.42 0.34 20.77
N GLU B 84 5.80 -0.06 19.57
CA GLU B 84 7.08 0.29 18.96
C GLU B 84 6.84 0.96 17.62
N ALA B 85 7.90 1.64 17.13
CA ALA B 85 7.77 2.39 15.89
C ALA B 85 7.25 1.53 14.75
N GLU B 86 7.69 0.27 14.69
CA GLU B 86 7.32 -0.60 13.59
C GLU B 86 5.86 -1.04 13.63
N ASP B 87 5.13 -0.72 14.70
CA ASP B 87 3.74 -1.10 14.82
C ASP B 87 2.80 -0.23 14.00
N ALA B 88 3.32 0.80 13.31
CA ALA B 88 2.49 1.62 12.45
C ALA B 88 1.86 0.76 11.37
N GLY B 89 0.55 0.90 11.19
CA GLY B 89 -0.16 0.11 10.21
C GLY B 89 -1.64 0.03 10.54
N VAL B 90 -2.32 -0.88 9.84
CA VAL B 90 -3.75 -1.09 9.99
C VAL B 90 -3.99 -2.46 10.58
N TYR B 91 -4.89 -2.52 11.56
CA TYR B 91 -5.25 -3.76 12.25
C TYR B 91 -6.71 -4.06 12.01
N TYR B 92 -7.01 -5.28 11.58
CA TYR B 92 -8.36 -5.73 11.29
C TYR B 92 -8.75 -6.89 12.20
N CYS B 93 -10.00 -6.88 12.67
CA CYS B 93 -10.57 -8.05 13.31
C CYS B 93 -11.52 -8.73 12.33
N MET B 94 -11.59 -10.07 12.44
CA MET B 94 -12.40 -10.87 11.54
C MET B 94 -13.13 -11.92 12.36
N GLN B 95 -14.43 -12.08 12.12
CA GLN B 95 -15.19 -13.14 12.76
C GLN B 95 -15.03 -14.42 11.96
N ALA B 96 -14.80 -15.53 12.68
CA ALA B 96 -14.60 -16.84 12.07
C ALA B 96 -15.70 -17.81 12.49
N LEU B 97 -16.89 -17.28 12.81
CA LEU B 97 -18.00 -18.09 13.27
C LEU B 97 -18.92 -18.52 12.14
N GLN B 98 -19.30 -17.58 11.28
CA GLN B 98 -20.28 -17.82 10.24
C GLN B 98 -19.74 -17.42 8.89
N THR B 99 -20.36 -17.98 7.84
CA THR B 99 -20.12 -17.60 6.45
C THR B 99 -21.21 -16.63 6.02
N PRO B 100 -20.87 -15.51 5.34
CA PRO B 100 -19.54 -15.12 4.87
C PRO B 100 -18.61 -14.61 5.97
N LEU B 101 -17.31 -14.83 5.79
CA LEU B 101 -16.35 -14.17 6.66
C LEU B 101 -16.49 -12.66 6.51
N THR B 102 -16.47 -11.95 7.62
CA THR B 102 -16.61 -10.50 7.63
C THR B 102 -15.51 -9.88 8.48
N PHE B 103 -15.01 -8.74 8.03
CA PHE B 103 -13.92 -8.03 8.68
C PHE B 103 -14.43 -6.72 9.27
N GLY B 104 -13.78 -6.28 10.35
CA GLY B 104 -13.99 -4.95 10.85
C GLY B 104 -13.49 -3.91 9.88
N GLY B 105 -13.77 -2.64 10.20
CA GLY B 105 -13.36 -1.54 9.35
C GLY B 105 -11.88 -1.23 9.38
N GLY B 106 -11.15 -1.78 10.34
CA GLY B 106 -9.72 -1.53 10.44
C GLY B 106 -9.42 -0.33 11.32
N THR B 107 -8.27 -0.40 11.98
CA THR B 107 -7.80 0.67 12.85
C THR B 107 -6.35 0.98 12.48
N LYS B 108 -6.07 2.24 12.19
CA LYS B 108 -4.73 2.67 11.81
C LYS B 108 -3.98 3.19 13.04
N VAL B 109 -2.87 2.55 13.35
CA VAL B 109 -2.01 2.98 14.45
C VAL B 109 -1.02 4.00 13.91
N GLU B 110 -1.07 5.21 14.44
CA GLU B 110 -0.10 6.25 14.12
C GLU B 110 0.89 6.38 15.27
N ILE B 111 2.16 6.51 14.93
CA ILE B 111 3.23 6.61 15.93
C ILE B 111 3.49 8.10 16.19
N LYS B 112 3.24 8.52 17.43
CA LYS B 112 3.52 9.89 17.82
C LYS B 112 5.00 10.05 18.14
N ARG B 113 5.58 11.17 17.69
CA ARG B 113 6.98 11.47 17.92
C ARG B 113 7.13 12.98 18.09
N THR B 114 8.37 13.41 18.33
CA THR B 114 8.66 14.82 18.47
C THR B 114 8.44 15.54 17.14
N VAL B 115 8.15 16.83 17.22
CA VAL B 115 7.97 17.64 16.02
C VAL B 115 9.26 17.64 15.22
N ALA B 116 9.14 17.57 13.90
CA ALA B 116 10.28 17.60 12.99
C ALA B 116 9.90 18.43 11.77
N ALA B 117 10.61 19.53 11.56
CA ALA B 117 10.33 20.39 10.42
C ALA B 117 10.75 19.70 9.13
N PRO B 118 10.08 20.00 8.02
CA PRO B 118 10.45 19.39 6.74
C PRO B 118 11.70 20.01 6.14
N SER B 119 12.47 19.17 5.46
CA SER B 119 13.57 19.63 4.61
C SER B 119 13.04 19.82 3.20
N VAL B 120 13.06 21.06 2.71
CA VAL B 120 12.40 21.43 1.47
C VAL B 120 13.43 21.42 0.33
N PHE B 121 13.04 20.81 -0.78
CA PHE B 121 13.86 20.79 -1.99
C PHE B 121 12.97 21.07 -3.19
N ILE B 122 13.53 21.74 -4.18
CA ILE B 122 12.82 22.05 -5.42
C ILE B 122 13.66 21.54 -6.59
N PHE B 123 12.99 20.93 -7.57
CA PHE B 123 13.65 20.34 -8.72
C PHE B 123 13.10 20.98 -10.00
N PRO B 124 13.91 21.59 -10.84
CA PRO B 124 13.41 22.13 -12.10
C PRO B 124 13.13 21.00 -13.09
N PRO B 125 12.40 21.28 -14.16
CA PRO B 125 12.19 20.25 -15.19
C PRO B 125 13.48 19.94 -15.92
N SER B 126 13.68 18.66 -16.23
CA SER B 126 14.88 18.24 -16.92
C SER B 126 14.82 18.62 -18.40
N ASP B 127 16.00 18.75 -19.00
CA ASP B 127 16.06 19.04 -20.43
C ASP B 127 15.40 17.93 -21.24
N GLU B 128 15.55 16.67 -20.79
CA GLU B 128 14.96 15.56 -21.52
C GLU B 128 13.44 15.67 -21.57
N GLN B 129 12.82 16.03 -20.44
CA GLN B 129 11.37 16.20 -20.42
C GLN B 129 10.95 17.39 -21.27
N LEU B 130 11.70 18.49 -21.20
CA LEU B 130 11.38 19.65 -22.01
C LEU B 130 11.41 19.32 -23.49
N LYS B 131 12.36 18.47 -23.92
CA LYS B 131 12.39 18.06 -25.31
C LYS B 131 11.14 17.27 -25.70
N SER B 132 10.46 16.66 -24.73
CA SER B 132 9.22 15.95 -25.02
C SER B 132 8.03 16.90 -25.13
N GLY B 133 8.14 18.12 -24.63
CA GLY B 133 7.11 19.13 -24.81
C GLY B 133 6.37 19.56 -23.56
N THR B 134 6.81 19.13 -22.37
CA THR B 134 6.15 19.52 -21.13
C THR B 134 7.20 19.74 -20.05
N ALA B 135 6.75 20.32 -18.94
CA ALA B 135 7.65 20.68 -17.83
C ALA B 135 6.94 20.37 -16.52
N SER B 136 7.53 19.48 -15.74
CA SER B 136 7.05 19.16 -14.40
C SER B 136 8.02 19.74 -13.37
N VAL B 137 7.48 20.49 -12.41
CA VAL B 137 8.27 21.09 -11.34
C VAL B 137 7.88 20.40 -10.05
N VAL B 138 8.87 19.85 -9.35
CA VAL B 138 8.64 19.01 -8.18
C VAL B 138 9.22 19.70 -6.96
N CYS B 139 8.40 19.83 -5.91
CA CYS B 139 8.83 20.33 -4.62
C CYS B 139 8.72 19.20 -3.59
N LEU B 140 9.81 18.95 -2.87
CA LEU B 140 9.91 17.85 -1.93
C LEU B 140 9.94 18.38 -0.51
N LEU B 141 9.09 17.82 0.35
CA LEU B 141 9.09 18.07 1.79
C LEU B 141 9.44 16.74 2.46
N ASN B 142 10.64 16.66 3.02
CA ASN B 142 11.20 15.38 3.44
C ASN B 142 11.20 15.26 4.96
N ASN B 143 10.80 14.08 5.44
CA ASN B 143 10.93 13.70 6.85
C ASN B 143 10.45 14.79 7.81
N PHE B 144 9.13 14.94 7.91
CA PHE B 144 8.52 15.89 8.84
C PHE B 144 7.46 15.19 9.67
N TYR B 145 7.10 15.84 10.78
CA TYR B 145 6.03 15.37 11.66
C TYR B 145 5.55 16.56 12.47
N PRO B 146 4.22 16.73 12.65
CA PRO B 146 3.13 15.84 12.22
C PRO B 146 2.86 15.88 10.72
N ARG B 147 1.90 15.05 10.29
CA ARG B 147 1.61 14.89 8.87
C ARG B 147 1.14 16.19 8.23
N GLU B 148 0.46 17.04 9.00
CA GLU B 148 -0.16 18.23 8.43
C GLU B 148 0.90 19.20 7.91
N ALA B 149 0.80 19.56 6.64
CA ALA B 149 1.68 20.55 6.03
C ALA B 149 0.97 21.17 4.85
N LYS B 150 1.35 22.40 4.52
CA LYS B 150 0.76 23.15 3.43
C LYS B 150 1.84 23.58 2.45
N VAL B 151 1.51 23.53 1.17
CA VAL B 151 2.42 23.93 0.10
C VAL B 151 1.70 24.93 -0.80
N GLN B 152 2.36 26.05 -1.09
N GLN B 152 2.36 26.05 -1.09
CA GLN B 152 1.81 27.10 -1.95
CA GLN B 152 1.79 27.08 -1.95
C GLN B 152 2.81 27.39 -3.05
C GLN B 152 2.79 27.40 -3.04
N TRP B 153 2.39 27.24 -4.30
CA TRP B 153 3.22 27.54 -5.44
C TRP B 153 3.09 29.01 -5.82
N LYS B 154 4.16 29.55 -6.41
CA LYS B 154 4.17 30.92 -6.90
C LYS B 154 4.96 30.98 -8.19
N VAL B 155 4.35 31.52 -9.24
CA VAL B 155 4.98 31.70 -10.54
C VAL B 155 5.08 33.19 -10.78
N ASP B 156 6.28 33.74 -10.67
CA ASP B 156 6.48 35.20 -10.73
C ASP B 156 5.62 35.89 -9.68
N ASN B 157 5.61 35.33 -8.47
CA ASN B 157 4.83 35.84 -7.34
C ASN B 157 3.33 35.80 -7.62
N ALA B 158 2.90 34.95 -8.55
CA ALA B 158 1.48 34.72 -8.81
C ALA B 158 1.06 33.43 -8.10
N LEU B 159 0.14 33.55 -7.15
CA LEU B 159 -0.32 32.38 -6.40
C LEU B 159 -0.98 31.40 -7.35
N GLN B 160 -0.63 30.13 -7.23
CA GLN B 160 -1.18 29.07 -8.07
C GLN B 160 -2.28 28.34 -7.32
N SER B 161 -3.19 27.74 -8.09
CA SER B 161 -4.34 27.04 -7.53
C SER B 161 -4.82 25.99 -8.50
N GLY B 162 -5.17 24.81 -7.98
CA GLY B 162 -5.80 23.78 -8.78
C GLY B 162 -4.96 23.26 -9.93
N ASN B 163 -3.65 23.50 -9.92
CA ASN B 163 -2.77 22.99 -10.97
C ASN B 163 -1.60 22.20 -10.38
N SER B 164 -1.73 21.71 -9.14
CA SER B 164 -0.67 21.00 -8.45
C SER B 164 -1.21 19.70 -7.89
N GLN B 165 -0.42 18.65 -7.95
CA GLN B 165 -0.76 17.36 -7.38
C GLN B 165 0.19 17.02 -6.24
N GLU B 166 -0.37 16.52 -5.13
CA GLU B 166 0.39 16.15 -3.96
C GLU B 166 0.36 14.63 -3.76
N SER B 167 1.42 14.12 -3.15
CA SER B 167 1.49 12.72 -2.75
C SER B 167 2.26 12.65 -1.44
N VAL B 168 1.80 11.80 -0.54
CA VAL B 168 2.39 11.68 0.80
C VAL B 168 2.75 10.23 1.04
N THR B 169 3.96 10.00 1.54
CA THR B 169 4.36 8.66 1.91
C THR B 169 3.61 8.22 3.17
N GLU B 170 3.59 6.92 3.40
CA GLU B 170 3.09 6.39 4.65
C GLU B 170 4.10 6.66 5.76
N GLN B 171 3.65 6.51 7.00
CA GLN B 171 4.53 6.79 8.14
C GLN B 171 5.72 5.84 8.12
N ASP B 172 6.92 6.42 8.15
CA ASP B 172 8.13 5.61 8.15
C ASP B 172 8.18 4.71 9.37
N SER B 173 8.40 3.42 9.14
CA SER B 173 8.40 2.43 10.23
C SER B 173 9.57 2.60 11.18
N LYS B 174 10.58 3.38 10.83
CA LYS B 174 11.78 3.55 11.65
C LYS B 174 11.74 4.85 12.45
N ASP B 175 11.69 5.99 11.78
CA ASP B 175 11.70 7.29 12.45
C ASP B 175 10.33 7.93 12.55
N SER B 176 9.27 7.24 12.10
CA SER B 176 7.90 7.68 12.31
C SER B 176 7.59 9.02 11.66
N THR B 177 8.30 9.34 10.58
CA THR B 177 8.15 10.61 9.89
C THR B 177 7.38 10.43 8.59
N TYR B 178 7.03 11.56 7.97
CA TYR B 178 6.34 11.60 6.70
C TYR B 178 7.14 12.39 5.69
N SER B 179 6.82 12.19 4.41
CA SER B 179 7.38 12.97 3.32
C SER B 179 6.29 13.26 2.31
N LEU B 180 6.42 14.39 1.62
CA LEU B 180 5.40 14.86 0.69
C LEU B 180 6.05 15.44 -0.55
N SER B 181 5.45 15.17 -1.70
CA SER B 181 5.84 15.75 -2.97
C SER B 181 4.70 16.60 -3.51
N SER B 182 5.04 17.74 -4.11
CA SER B 182 4.07 18.60 -4.77
C SER B 182 4.59 18.86 -6.18
N THR B 183 3.79 18.51 -7.18
CA THR B 183 4.23 18.51 -8.58
C THR B 183 3.37 19.48 -9.38
N LEU B 184 4.01 20.50 -9.94
CA LEU B 184 3.36 21.48 -10.82
C LEU B 184 3.75 21.17 -12.25
N THR B 185 2.77 20.78 -13.06
CA THR B 185 3.01 20.37 -14.44
C THR B 185 2.46 21.42 -15.40
N LEU B 186 3.28 21.81 -16.37
CA LEU B 186 2.89 22.78 -17.38
C LEU B 186 3.47 22.36 -18.72
N SER B 187 2.90 22.90 -19.79
CA SER B 187 3.48 22.71 -21.11
C SER B 187 4.76 23.52 -21.23
N LYS B 188 5.62 23.12 -22.16
CA LYS B 188 6.88 23.84 -22.35
C LYS B 188 6.62 25.30 -22.70
N ALA B 189 5.64 25.55 -23.57
CA ALA B 189 5.30 26.93 -23.93
C ALA B 189 4.90 27.72 -22.70
N ASP B 190 3.98 27.20 -21.90
CA ASP B 190 3.58 27.87 -20.68
C ASP B 190 4.75 28.01 -19.72
N TYR B 191 5.52 26.93 -19.53
CA TYR B 191 6.67 27.00 -18.64
C TYR B 191 7.67 28.04 -19.10
N GLU B 192 7.75 28.29 -20.40
CA GLU B 192 8.70 29.26 -20.95
C GLU B 192 8.16 30.69 -20.94
N LYS B 193 6.96 30.91 -20.44
CA LYS B 193 6.41 32.26 -20.31
C LYS B 193 6.68 32.89 -18.95
N HIS B 194 7.34 32.17 -18.04
CA HIS B 194 7.58 32.67 -16.70
C HIS B 194 8.98 32.27 -16.26
N LYS B 195 9.56 33.09 -15.39
CA LYS B 195 10.96 32.95 -14.99
C LYS B 195 11.13 32.31 -13.61
N VAL B 196 10.46 32.84 -12.59
CA VAL B 196 10.66 32.42 -11.21
C VAL B 196 9.59 31.41 -10.84
N TYR B 197 10.02 30.25 -10.34
CA TYR B 197 9.13 29.22 -9.83
C TYR B 197 9.53 28.94 -8.39
N ALA B 198 8.60 29.18 -7.46
CA ALA B 198 8.89 29.08 -6.04
C ALA B 198 7.92 28.11 -5.36
N CYS B 199 8.39 27.51 -4.27
CA CYS B 199 7.61 26.58 -3.47
C CYS B 199 7.66 27.04 -2.01
N GLU B 200 6.51 27.46 -1.48
CA GLU B 200 6.42 27.94 -0.11
C GLU B 200 5.78 26.87 0.76
N VAL B 201 6.42 26.58 1.90
CA VAL B 201 6.00 25.50 2.78
C VAL B 201 5.74 26.05 4.17
N THR B 202 4.65 25.60 4.79
CA THR B 202 4.30 25.94 6.15
C THR B 202 4.13 24.65 6.96
N HIS B 203 4.69 24.64 8.17
CA HIS B 203 4.64 23.46 9.01
C HIS B 203 4.82 23.87 10.45
N GLN B 204 4.31 23.03 11.36
CA GLN B 204 4.37 23.35 12.78
C GLN B 204 5.80 23.47 13.27
N GLY B 205 6.68 22.58 12.82
CA GLY B 205 8.08 22.62 13.22
C GLY B 205 8.86 23.80 12.66
N LEU B 206 8.29 24.53 11.70
CA LEU B 206 8.94 25.69 11.11
C LEU B 206 8.47 26.94 11.82
N SER B 207 9.41 27.68 12.43
CA SER B 207 9.07 28.93 13.06
C SER B 207 8.51 29.94 12.06
N SER B 208 8.81 29.78 10.78
CA SER B 208 8.26 30.64 9.73
C SER B 208 8.28 29.86 8.42
N PRO B 209 7.46 30.26 7.45
CA PRO B 209 7.43 29.53 6.17
C PRO B 209 8.79 29.55 5.48
N VAL B 210 9.14 28.41 4.89
CA VAL B 210 10.37 28.27 4.12
C VAL B 210 10.02 28.29 2.64
N THR B 211 10.90 28.87 1.83
CA THR B 211 10.67 29.01 0.40
C THR B 211 11.91 28.54 -0.37
N LYS B 212 11.66 27.92 -1.51
CA LYS B 212 12.72 27.46 -2.41
C LYS B 212 12.30 27.76 -3.84
N SER B 213 13.22 28.31 -4.63
CA SER B 213 12.88 28.79 -5.96
C SER B 213 14.07 28.57 -6.89
N PHE B 214 13.89 28.93 -8.16
CA PHE B 214 14.95 28.83 -9.17
C PHE B 214 14.58 29.71 -10.35
N ASN B 215 15.55 29.92 -11.24
CA ASN B 215 15.38 30.80 -12.39
C ASN B 215 15.19 30.01 -13.68
N ARG B 216 15.53 30.61 -14.81
CA ARG B 216 15.49 29.97 -16.11
C ARG B 216 14.09 29.49 -16.45
N GLY B 217 13.91 28.99 -17.67
CA GLY B 217 12.59 28.63 -18.16
C GLY B 217 11.83 29.79 -18.75
N GLU B 218 12.51 30.66 -19.48
CA GLU B 218 11.88 31.83 -20.09
C GLU B 218 12.81 32.51 -21.07
#